data_3ILN
#
_entry.id   3ILN
#
_cell.length_a   52.218
_cell.length_b   108.288
_cell.length_c   64.588
_cell.angle_alpha   90.00
_cell.angle_beta   113.90
_cell.angle_gamma   90.00
#
_symmetry.space_group_name_H-M   'P 1 21 1'
#
loop_
_entity.id
_entity.type
_entity.pdbx_description
1 polymer Laminarinase
2 non-polymer GLYCEROL
3 non-polymer 'CALCIUM ION'
4 water water
#
_entity_poly.entity_id   1
_entity_poly.type   'polypeptide(L)'
_entity_poly.pdbx_seq_one_letter_code
;RLPHWELVWSDEFDYNGLPDPAKWDYDVGGHGWGNQELQYYTRARIENARVGGGVLIIEARRESYEGREYTSARLVTRGK
ASWTYGRFEIRARLPSGRGTWPAIWMLPDRQTYGSAYWPDNGEIDIAEHVGFNPDVVHGTVHTKAYNHLLGTQRGGSIRV
PTARTDFHVYAIEWTPEEIRWFVDDSLYYRFPNERLTNPEADWRHWPFDQPFHLIMNIAVGGTWGGQQGVDPEAFPAQLV
VDYVRVYRWVE
;
_entity_poly.pdbx_strand_id   A,B
#
loop_
_chem_comp.id
_chem_comp.type
_chem_comp.name
_chem_comp.formula
CA non-polymer 'CALCIUM ION' 'Ca 2'
GOL non-polymer GLYCEROL 'C3 H8 O3'
#
# COMPACT_ATOMS: atom_id res chain seq x y z
N ARG A 1 -18.61 44.05 -3.38
CA ARG A 1 -18.60 42.78 -4.09
C ARG A 1 -19.67 41.84 -3.57
N LEU A 2 -20.04 40.85 -4.37
CA LEU A 2 -20.83 39.73 -3.88
C LEU A 2 -19.84 38.64 -3.51
N PRO A 3 -20.10 37.93 -2.39
CA PRO A 3 -19.22 36.83 -1.99
C PRO A 3 -19.26 35.69 -3.01
N HIS A 4 -18.11 35.38 -3.58
CA HIS A 4 -18.03 34.38 -4.63
C HIS A 4 -16.62 33.88 -4.81
N TRP A 5 -16.50 32.71 -5.42
CA TRP A 5 -15.21 32.17 -5.81
C TRP A 5 -14.76 32.93 -7.03
N GLU A 6 -13.61 33.57 -6.91
CA GLU A 6 -13.05 34.32 -8.02
C GLU A 6 -11.92 33.52 -8.66
N LEU A 7 -11.96 33.41 -9.98
CA LEU A 7 -10.92 32.71 -10.71
C LEU A 7 -9.64 33.53 -10.59
N VAL A 8 -8.55 32.86 -10.24
CA VAL A 8 -7.28 33.54 -10.09
C VAL A 8 -6.20 32.87 -10.92
N TRP A 9 -6.41 31.60 -11.25
CA TRP A 9 -5.44 30.85 -12.04
C TRP A 9 -6.15 29.68 -12.70
N SER A 10 -5.81 29.39 -13.93
CA SER A 10 -6.37 28.22 -14.57
C SER A 10 -5.55 27.83 -15.78
N ASP A 11 -5.62 26.56 -16.13
CA ASP A 11 -5.16 26.11 -17.42
C ASP A 11 -6.29 25.28 -17.99
N GLU A 12 -6.81 25.72 -19.12
CA GLU A 12 -7.93 25.05 -19.77
C GLU A 12 -7.39 24.11 -20.83
N PHE A 13 -6.06 24.09 -20.98
CA PHE A 13 -5.41 23.22 -21.93
C PHE A 13 -6.04 23.33 -23.32
N ASP A 14 -6.24 24.56 -23.76
CA ASP A 14 -6.86 24.83 -25.04
C ASP A 14 -5.83 24.98 -26.16
N TYR A 15 -4.57 24.71 -25.83
CA TYR A 15 -3.48 24.84 -26.76
C TYR A 15 -2.88 23.50 -27.19
N ASN A 16 -1.74 23.56 -27.87
CA ASN A 16 -1.10 22.37 -28.42
C ASN A 16 0.39 22.34 -28.13
N GLY A 17 0.88 21.19 -27.69
CA GLY A 17 2.29 21.01 -27.44
C GLY A 17 2.55 20.63 -25.99
N LEU A 18 3.66 21.12 -25.45
CA LEU A 18 4.03 20.85 -24.07
C LEU A 18 3.17 21.68 -23.13
N PRO A 19 2.98 21.18 -21.89
CA PRO A 19 2.36 22.00 -20.86
C PRO A 19 2.97 23.40 -20.84
N ASP A 20 2.12 24.41 -20.86
CA ASP A 20 2.51 25.81 -20.79
C ASP A 20 3.55 26.05 -19.70
N PRO A 21 4.79 26.40 -20.08
CA PRO A 21 5.91 26.61 -19.15
C PRO A 21 5.69 27.78 -18.20
N ALA A 22 4.72 28.65 -18.48
CA ALA A 22 4.40 29.75 -17.58
C ALA A 22 3.54 29.26 -16.42
N LYS A 23 2.87 28.13 -16.62
CA LYS A 23 1.97 27.59 -15.61
C LYS A 23 2.47 26.29 -14.99
N TRP A 24 3.32 25.58 -15.74
CA TRP A 24 3.73 24.23 -15.37
C TRP A 24 5.23 24.02 -15.45
N ASP A 25 5.76 23.36 -14.43
CA ASP A 25 7.13 22.87 -14.47
C ASP A 25 7.05 21.36 -14.25
N TYR A 26 8.20 20.71 -14.17
CA TYR A 26 8.22 19.26 -14.05
C TYR A 26 9.00 18.81 -12.85
N ASP A 27 8.57 17.72 -12.25
CA ASP A 27 9.44 16.97 -11.35
C ASP A 27 10.12 15.92 -12.21
N VAL A 28 11.45 15.90 -12.15
CA VAL A 28 12.25 15.06 -13.03
C VAL A 28 13.14 14.14 -12.22
N GLY A 29 13.08 12.85 -12.53
CA GLY A 29 13.92 11.87 -11.87
C GLY A 29 13.22 10.53 -11.73
N GLY A 30 14.01 9.50 -11.43
CA GLY A 30 13.47 8.19 -11.17
C GLY A 30 14.03 7.61 -9.88
N HIS A 31 14.22 8.47 -8.88
CA HIS A 31 14.86 8.05 -7.64
C HIS A 31 13.89 7.33 -6.69
N GLY A 32 12.65 7.15 -7.10
CA GLY A 32 11.67 6.45 -6.28
C GLY A 32 10.65 7.37 -5.65
N TRP A 33 10.99 8.65 -5.59
CA TRP A 33 10.08 9.68 -5.09
C TRP A 33 9.50 9.38 -3.70
N GLY A 34 10.33 8.77 -2.86
CA GLY A 34 9.96 8.51 -1.48
C GLY A 34 8.96 7.39 -1.33
N ASN A 35 8.71 6.66 -2.42
CA ASN A 35 7.69 5.62 -2.40
C ASN A 35 8.10 4.38 -3.17
N GLN A 36 9.36 4.35 -3.57
CA GLN A 36 9.89 3.21 -4.30
C GLN A 36 9.21 3.08 -5.65
N GLU A 37 8.77 4.22 -6.18
CA GLU A 37 8.09 4.23 -7.47
C GLU A 37 9.06 3.82 -8.57
N LEU A 38 8.53 3.25 -9.64
CA LEU A 38 9.34 2.64 -10.67
C LEU A 38 9.60 3.56 -11.84
N GLN A 39 8.83 4.64 -11.94
CA GLN A 39 8.89 5.49 -13.12
C GLN A 39 9.99 6.53 -13.05
N TYR A 40 10.41 6.96 -14.24
CA TYR A 40 11.22 8.14 -14.36
C TYR A 40 10.32 9.29 -14.80
N TYR A 41 10.11 10.25 -13.91
CA TYR A 41 9.39 11.47 -14.26
C TYR A 41 10.24 12.34 -15.18
N THR A 42 9.75 12.58 -16.40
CA THR A 42 10.56 13.24 -17.42
C THR A 42 10.26 14.73 -17.49
N ARG A 43 11.18 15.48 -18.08
CA ARG A 43 10.99 16.91 -18.28
C ARG A 43 10.60 17.23 -19.72
N ALA A 44 9.57 18.05 -19.87
CA ALA A 44 9.11 18.53 -21.17
C ALA A 44 9.20 17.47 -22.26
N ARG A 45 8.73 16.27 -21.93
CA ARG A 45 8.69 15.17 -22.87
C ARG A 45 7.25 14.96 -23.30
N ILE A 46 6.99 15.16 -24.59
CA ILE A 46 5.64 15.06 -25.13
C ILE A 46 5.02 13.68 -24.91
N GLU A 47 5.86 12.65 -24.78
CA GLU A 47 5.37 11.30 -24.52
C GLU A 47 4.69 11.20 -23.16
N ASN A 48 5.10 12.09 -22.24
CA ASN A 48 4.62 12.02 -20.88
C ASN A 48 3.74 13.19 -20.48
N ALA A 49 3.86 14.30 -21.19
CA ALA A 49 3.06 15.48 -20.91
C ALA A 49 2.84 16.25 -22.20
N ARG A 50 1.64 16.10 -22.74
CA ARG A 50 1.27 16.75 -23.99
C ARG A 50 -0.11 17.39 -23.84
N VAL A 51 -0.29 18.52 -24.53
CA VAL A 51 -1.55 19.22 -24.50
C VAL A 51 -2.14 19.26 -25.91
N GLY A 52 -3.41 18.88 -26.02
CA GLY A 52 -4.08 18.87 -27.30
C GLY A 52 -5.46 18.27 -27.17
N GLY A 53 -6.32 18.60 -28.12
CA GLY A 53 -7.68 18.09 -28.14
C GLY A 53 -8.44 18.60 -26.93
N GLY A 54 -8.04 19.76 -26.45
CA GLY A 54 -8.68 20.39 -25.32
C GLY A 54 -8.25 19.86 -23.97
N VAL A 55 -7.27 18.97 -23.94
CA VAL A 55 -6.85 18.42 -22.66
C VAL A 55 -5.34 18.33 -22.47
N LEU A 56 -4.95 18.12 -21.22
CA LEU A 56 -3.61 17.67 -20.92
C LEU A 56 -3.66 16.16 -20.78
N ILE A 57 -2.67 15.49 -21.35
CA ILE A 57 -2.46 14.10 -21.04
C ILE A 57 -1.14 13.99 -20.30
N ILE A 58 -1.22 13.52 -19.06
CA ILE A 58 -0.04 13.03 -18.37
C ILE A 58 -0.07 11.55 -18.64
N GLU A 59 1.02 11.01 -19.15
CA GLU A 59 1.02 9.63 -19.60
C GLU A 59 2.12 8.81 -18.98
N ALA A 60 1.71 7.68 -18.39
CA ALA A 60 2.65 6.72 -17.86
C ALA A 60 3.03 5.75 -18.97
N ARG A 61 4.34 5.58 -19.18
CA ARG A 61 4.84 4.71 -20.25
C ARG A 61 5.79 3.62 -19.77
N ARG A 62 5.56 2.39 -20.18
CA ARG A 62 6.53 1.34 -19.97
C ARG A 62 7.58 1.43 -21.06
N GLU A 63 8.76 1.92 -20.71
CA GLU A 63 9.85 2.05 -21.66
C GLU A 63 11.16 2.20 -20.90
N SER A 64 12.25 1.69 -21.48
CA SER A 64 13.57 1.85 -20.89
C SER A 64 14.06 3.31 -20.99
N TYR A 65 14.14 3.98 -19.86
CA TYR A 65 14.46 5.40 -19.84
C TYR A 65 15.30 5.77 -18.62
N GLU A 66 16.48 6.33 -18.87
CA GLU A 66 17.38 6.77 -17.80
C GLU A 66 17.43 5.79 -16.63
N GLY A 67 17.65 4.51 -16.91
CA GLY A 67 17.80 3.51 -15.88
C GLY A 67 16.47 2.99 -15.37
N ARG A 68 15.39 3.51 -15.93
CA ARG A 68 14.05 3.14 -15.48
C ARG A 68 13.30 2.39 -16.57
N GLU A 69 12.34 1.57 -16.15
CA GLU A 69 11.59 0.71 -17.05
C GLU A 69 10.28 1.39 -17.40
N TYR A 70 10.00 2.50 -16.74
CA TYR A 70 8.84 3.31 -17.03
C TYR A 70 9.19 4.80 -17.01
N THR A 71 8.47 5.59 -17.80
CA THR A 71 8.54 7.03 -17.69
C THR A 71 7.17 7.57 -17.35
N SER A 72 7.13 8.82 -16.91
CA SER A 72 5.86 9.47 -16.60
C SER A 72 6.13 10.95 -16.47
N ALA A 73 5.11 11.68 -16.06
CA ALA A 73 5.25 13.10 -15.81
C ALA A 73 4.68 13.43 -14.45
N ARG A 74 5.34 14.34 -13.77
CA ARG A 74 4.83 14.90 -12.53
C ARG A 74 4.85 16.39 -12.76
N LEU A 75 3.68 16.92 -13.15
CA LEU A 75 3.53 18.32 -13.49
C LEU A 75 3.25 19.13 -12.24
N VAL A 76 4.00 20.20 -12.07
CA VAL A 76 3.84 21.03 -10.88
C VAL A 76 3.68 22.50 -11.25
N THR A 77 3.05 23.25 -10.37
CA THR A 77 3.03 24.69 -10.51
C THR A 77 4.02 25.30 -9.53
N ARG A 78 4.83 24.44 -8.92
CA ARG A 78 5.87 24.93 -8.03
C ARG A 78 6.77 25.87 -8.83
N GLY A 79 7.04 27.04 -8.29
CA GLY A 79 7.83 28.05 -8.99
C GLY A 79 7.05 28.82 -10.03
N LYS A 80 5.79 28.44 -10.26
CA LYS A 80 4.94 29.13 -11.25
C LYS A 80 3.74 29.80 -10.59
N ALA A 81 2.97 29.02 -9.84
CA ALA A 81 1.81 29.56 -9.14
C ALA A 81 1.55 28.76 -7.88
N SER A 82 1.30 29.46 -6.79
CA SER A 82 0.95 28.81 -5.56
C SER A 82 -0.10 29.65 -4.85
N TRP A 83 -0.81 29.04 -3.92
CA TRP A 83 -1.95 29.71 -3.30
C TRP A 83 -2.04 29.33 -1.85
N THR A 84 -2.59 30.25 -1.06
CA THR A 84 -2.97 29.96 0.30
C THR A 84 -4.49 30.12 0.34
N TYR A 85 -5.17 29.02 0.63
CA TYR A 85 -6.62 28.94 0.57
C TYR A 85 -7.10 29.02 -0.87
N GLY A 86 -8.30 28.51 -1.12
CA GLY A 86 -8.90 28.61 -2.44
C GLY A 86 -9.78 27.42 -2.77
N ARG A 87 -10.46 27.50 -3.91
CA ARG A 87 -11.12 26.34 -4.45
C ARG A 87 -10.28 25.84 -5.60
N PHE A 88 -9.85 24.58 -5.51
CA PHE A 88 -9.00 24.00 -6.51
C PHE A 88 -9.74 22.88 -7.20
N GLU A 89 -9.90 23.02 -8.51
CA GLU A 89 -10.57 22.02 -9.32
C GLU A 89 -9.66 21.45 -10.39
N ILE A 90 -9.71 20.14 -10.55
CA ILE A 90 -9.00 19.49 -11.63
C ILE A 90 -9.98 18.51 -12.26
N ARG A 91 -10.42 18.83 -13.47
CA ARG A 91 -11.32 17.94 -14.20
C ARG A 91 -10.50 16.92 -14.99
N ALA A 92 -10.61 15.66 -14.58
CA ALA A 92 -9.71 14.65 -15.10
C ALA A 92 -10.42 13.31 -15.30
N ARG A 93 -9.92 12.53 -16.24
CA ARG A 93 -10.25 11.11 -16.32
C ARG A 93 -9.04 10.36 -15.81
N LEU A 94 -9.26 9.42 -14.91
CA LEU A 94 -8.15 8.72 -14.28
C LEU A 94 -7.68 7.53 -15.12
N PRO A 95 -6.38 7.25 -15.05
CA PRO A 95 -5.79 6.11 -15.78
C PRO A 95 -6.24 4.80 -15.16
N SER A 96 -6.33 3.76 -15.99
CA SER A 96 -6.61 2.40 -15.53
C SER A 96 -5.31 1.64 -15.39
N GLY A 97 -5.32 0.58 -14.59
CA GLY A 97 -4.22 -0.35 -14.58
C GLY A 97 -3.63 -0.65 -13.22
N ARG A 98 -3.47 -1.93 -12.93
CA ARG A 98 -2.80 -2.37 -11.71
C ARG A 98 -1.36 -1.89 -11.79
N GLY A 99 -0.95 -1.11 -10.80
CA GLY A 99 0.38 -0.51 -10.79
C GLY A 99 0.36 0.99 -11.08
N THR A 100 -0.77 1.51 -11.56
CA THR A 100 -0.89 2.95 -11.79
C THR A 100 -1.31 3.67 -10.52
N TRP A 101 -0.82 4.90 -10.36
CA TRP A 101 -1.11 5.68 -9.17
C TRP A 101 -1.14 7.16 -9.51
N PRO A 102 -2.22 7.58 -10.20
CA PRO A 102 -2.39 8.99 -10.57
C PRO A 102 -2.67 9.81 -9.31
N ALA A 103 -2.08 11.00 -9.22
CA ALA A 103 -2.34 11.84 -8.07
C ALA A 103 -2.55 13.28 -8.50
N ILE A 104 -3.49 13.94 -7.84
CA ILE A 104 -3.67 15.38 -7.98
C ILE A 104 -3.53 15.92 -6.58
N TRP A 105 -2.51 16.71 -6.35
CA TRP A 105 -2.22 17.07 -4.98
C TRP A 105 -1.45 18.36 -4.85
N MET A 106 -1.07 18.67 -3.62
CA MET A 106 -0.43 19.93 -3.32
C MET A 106 0.62 19.74 -2.26
N LEU A 107 1.70 20.49 -2.41
CA LEU A 107 2.76 20.55 -1.42
C LEU A 107 3.04 21.99 -1.12
N PRO A 108 3.58 22.25 0.07
CA PRO A 108 3.85 23.62 0.51
C PRO A 108 5.06 24.21 -0.21
N ASP A 109 4.94 25.46 -0.65
CA ASP A 109 6.08 26.18 -1.20
C ASP A 109 7.28 26.11 -0.28
N ARG A 110 7.04 26.15 1.03
CA ARG A 110 8.10 26.37 2.01
C ARG A 110 8.07 25.44 3.22
N GLN A 111 9.22 25.25 3.85
CA GLN A 111 9.27 24.69 5.20
C GLN A 111 9.17 25.87 6.18
N THR A 112 7.93 26.26 6.49
CA THR A 112 7.65 27.34 7.44
C THR A 112 7.77 26.78 8.85
N TYR A 113 7.26 25.58 9.04
CA TYR A 113 7.26 24.94 10.35
C TYR A 113 8.34 23.86 10.40
N GLY A 114 9.23 23.98 11.39
CA GLY A 114 10.38 23.10 11.51
C GLY A 114 9.94 21.84 12.19
N SER A 115 10.75 20.79 12.11
CA SER A 115 12.11 20.88 11.59
C SER A 115 12.33 20.03 10.34
N ALA A 116 11.25 19.75 9.61
CA ALA A 116 11.37 19.10 8.32
C ALA A 116 10.48 19.80 7.31
N TYR A 117 10.69 19.50 6.04
CA TYR A 117 9.81 20.00 5.01
C TYR A 117 8.51 19.22 5.05
N TRP A 118 8.62 17.90 4.94
CA TRP A 118 7.48 17.00 5.03
C TRP A 118 7.71 16.03 6.16
N PRO A 119 6.64 15.69 6.91
CA PRO A 119 5.28 16.17 6.67
C PRO A 119 4.96 17.47 7.40
N ASP A 120 5.93 18.03 8.12
CA ASP A 120 5.71 19.16 9.02
C ASP A 120 4.89 20.28 8.40
N ASN A 121 5.12 20.55 7.12
CA ASN A 121 4.47 21.66 6.47
C ASN A 121 3.28 21.24 5.63
N GLY A 122 2.98 19.95 5.64
CA GLY A 122 1.75 19.48 5.08
C GLY A 122 1.79 19.05 3.63
N GLU A 123 0.75 18.34 3.25
CA GLU A 123 0.53 17.89 1.89
C GLU A 123 -0.97 17.76 1.76
N ILE A 124 -1.54 18.37 0.73
CA ILE A 124 -2.98 18.21 0.50
C ILE A 124 -3.21 17.37 -0.73
N ASP A 125 -3.70 16.16 -0.50
CA ASP A 125 -3.98 15.23 -1.57
C ASP A 125 -5.42 15.45 -2.02
N ILE A 126 -5.57 16.05 -3.19
CA ILE A 126 -6.88 16.44 -3.72
C ILE A 126 -7.63 15.24 -4.29
N ALA A 127 -6.89 14.40 -5.00
CA ALA A 127 -7.43 13.16 -5.55
C ALA A 127 -6.30 12.18 -5.74
N GLU A 128 -6.42 11.02 -5.11
CA GLU A 128 -5.48 9.93 -5.35
C GLU A 128 -6.24 8.68 -5.71
N HIS A 129 -5.72 7.97 -6.70
CA HIS A 129 -6.38 6.76 -7.17
C HIS A 129 -5.31 5.74 -7.53
N VAL A 130 -5.54 4.49 -7.16
CA VAL A 130 -4.63 3.41 -7.54
C VAL A 130 -5.34 2.41 -8.45
N GLY A 131 -4.68 2.06 -9.55
CA GLY A 131 -5.27 1.18 -10.55
C GLY A 131 -5.72 -0.19 -10.06
N PHE A 132 -5.00 -0.75 -9.10
CA PHE A 132 -5.33 -2.08 -8.60
C PHE A 132 -6.58 -2.05 -7.72
N ASN A 133 -7.05 -0.85 -7.42
CA ASN A 133 -8.35 -0.66 -6.77
C ASN A 133 -9.13 0.43 -7.49
N PRO A 134 -9.58 0.12 -8.71
CA PRO A 134 -10.22 1.06 -9.64
C PRO A 134 -11.45 1.77 -9.06
N ASP A 135 -11.57 3.04 -9.40
CA ASP A 135 -12.79 3.81 -9.16
C ASP A 135 -12.92 4.45 -7.79
N VAL A 136 -12.02 4.10 -6.88
CA VAL A 136 -12.03 4.70 -5.54
C VAL A 136 -11.03 5.85 -5.46
N VAL A 137 -11.56 7.04 -5.18
CA VAL A 137 -10.74 8.24 -5.11
C VAL A 137 -10.56 8.66 -3.66
N HIS A 138 -9.34 9.00 -3.30
CA HIS A 138 -9.00 9.40 -1.95
C HIS A 138 -8.68 10.90 -1.88
N GLY A 139 -9.18 11.56 -0.84
CA GLY A 139 -8.78 12.91 -0.50
C GLY A 139 -8.11 12.79 0.85
N THR A 140 -6.93 13.38 1.00
CA THR A 140 -6.14 13.12 2.19
C THR A 140 -5.26 14.30 2.52
N VAL A 141 -5.07 14.53 3.81
CA VAL A 141 -4.06 15.48 4.27
C VAL A 141 -2.97 14.78 5.06
N HIS A 142 -1.74 15.27 4.87
CA HIS A 142 -0.62 14.83 5.67
C HIS A 142 -0.06 16.02 6.41
N THR A 143 0.07 15.85 7.73
CA THR A 143 0.65 16.87 8.59
C THR A 143 1.56 16.17 9.58
N LYS A 144 2.32 16.94 10.34
CA LYS A 144 3.26 16.40 11.30
C LYS A 144 2.58 15.44 12.28
N ALA A 145 1.34 15.76 12.65
CA ALA A 145 0.59 14.92 13.57
C ALA A 145 -0.25 13.90 12.83
N TYR A 146 -0.56 14.19 11.57
CA TYR A 146 -1.40 13.32 10.76
C TYR A 146 -0.76 12.96 9.43
N ASN A 147 0.00 11.86 9.40
CA ASN A 147 0.66 11.45 8.18
C ASN A 147 0.81 9.93 8.01
N HIS A 148 1.07 9.48 6.79
CA HIS A 148 1.12 8.06 6.49
C HIS A 148 2.25 7.31 7.21
N LEU A 149 3.23 8.05 7.70
CA LEU A 149 4.35 7.46 8.42
C LEU A 149 3.94 7.04 9.83
N LEU A 150 3.13 7.88 10.47
CA LEU A 150 2.53 7.59 11.77
C LEU A 150 1.26 6.77 11.63
N GLY A 151 0.84 6.52 10.39
CA GLY A 151 -0.42 5.85 10.11
C GLY A 151 -1.59 6.73 10.49
N THR A 152 -1.30 7.97 10.84
CA THR A 152 -2.31 8.88 11.37
C THR A 152 -2.84 9.87 10.34
N GLN A 153 -2.68 9.57 9.06
CA GLN A 153 -3.13 10.49 8.03
C GLN A 153 -4.64 10.56 8.03
N ARG A 154 -5.15 11.71 7.61
CA ARG A 154 -6.58 11.97 7.65
C ARG A 154 -7.06 12.17 6.23
N GLY A 155 -7.99 11.32 5.81
CA GLY A 155 -8.56 11.44 4.48
C GLY A 155 -9.79 10.57 4.37
N GLY A 156 -10.52 10.74 3.27
CA GLY A 156 -11.70 9.96 3.00
C GLY A 156 -11.62 9.44 1.59
N SER A 157 -12.64 8.71 1.17
CA SER A 157 -12.70 8.21 -0.20
C SER A 157 -14.13 8.27 -0.71
N ILE A 158 -14.27 8.08 -2.01
CA ILE A 158 -15.56 8.09 -2.67
C ILE A 158 -15.40 7.26 -3.93
N ARG A 159 -16.32 6.33 -4.14
CA ARG A 159 -16.28 5.54 -5.36
C ARG A 159 -16.84 6.39 -6.50
N VAL A 160 -16.05 6.52 -7.55
CA VAL A 160 -16.46 7.23 -8.75
C VAL A 160 -16.52 6.23 -9.90
N PRO A 161 -17.67 5.57 -10.06
CA PRO A 161 -17.83 4.44 -10.99
C PRO A 161 -17.21 4.67 -12.37
N THR A 162 -17.27 5.91 -12.87
CA THR A 162 -16.76 6.22 -14.20
C THR A 162 -15.54 7.15 -14.16
N ALA A 163 -14.69 6.96 -13.17
CA ALA A 163 -13.48 7.80 -13.03
C ALA A 163 -12.51 7.58 -14.19
N ARG A 164 -12.41 6.33 -14.63
CA ARG A 164 -11.43 5.93 -15.65
C ARG A 164 -12.05 5.90 -17.04
N THR A 165 -13.33 6.25 -17.13
CA THR A 165 -14.03 6.28 -18.39
C THR A 165 -14.47 7.69 -18.76
N ASP A 166 -14.70 8.51 -17.72
CA ASP A 166 -15.20 9.87 -17.90
C ASP A 166 -14.48 10.88 -17.03
N PHE A 167 -14.63 12.16 -17.38
CA PHE A 167 -13.99 13.21 -16.61
C PHE A 167 -14.78 13.52 -15.35
N HIS A 168 -14.04 13.84 -14.30
CA HIS A 168 -14.66 14.20 -13.03
C HIS A 168 -13.92 15.36 -12.43
N VAL A 169 -14.65 16.32 -11.90
CA VAL A 169 -14.01 17.47 -11.30
C VAL A 169 -13.62 17.11 -9.89
N TYR A 170 -12.32 16.98 -9.67
CA TYR A 170 -11.75 16.73 -8.35
C TYR A 170 -11.38 18.04 -7.70
N ALA A 171 -12.02 18.35 -6.59
CA ALA A 171 -11.86 19.68 -6.02
C ALA A 171 -11.68 19.64 -4.52
N ILE A 172 -10.90 20.60 -4.02
CA ILE A 172 -10.90 20.87 -2.61
C ILE A 172 -11.30 22.33 -2.44
N GLU A 173 -12.01 22.60 -1.37
CA GLU A 173 -12.15 23.97 -0.91
C GLU A 173 -11.37 24.04 0.38
N TRP A 174 -10.25 24.75 0.31
CA TRP A 174 -9.34 24.92 1.42
C TRP A 174 -9.49 26.34 1.96
N THR A 175 -9.95 26.46 3.20
CA THR A 175 -10.21 27.75 3.80
C THR A 175 -9.49 27.77 5.15
N PRO A 176 -9.56 28.91 5.87
CA PRO A 176 -8.86 29.00 7.15
C PRO A 176 -9.43 28.03 8.17
N GLU A 177 -10.67 27.60 7.97
CA GLU A 177 -11.39 26.76 8.93
C GLU A 177 -11.34 25.26 8.64
N GLU A 178 -11.18 24.90 7.38
CA GLU A 178 -11.16 23.48 7.02
C GLU A 178 -10.78 23.28 5.57
N ILE A 179 -10.48 22.03 5.24
CA ILE A 179 -10.37 21.62 3.85
C ILE A 179 -11.54 20.68 3.55
N ARG A 180 -12.20 20.89 2.41
CA ARG A 180 -13.29 20.03 1.98
C ARG A 180 -12.95 19.43 0.63
N TRP A 181 -13.17 18.12 0.48
CA TRP A 181 -12.92 17.44 -0.79
C TRP A 181 -14.23 17.15 -1.50
N PHE A 182 -14.22 17.32 -2.82
CA PHE A 182 -15.41 17.07 -3.63
C PHE A 182 -15.04 16.23 -4.85
N VAL A 183 -15.94 15.33 -5.24
CA VAL A 183 -15.89 14.77 -6.59
C VAL A 183 -17.15 15.26 -7.28
N ASP A 184 -16.99 16.04 -8.34
CA ASP A 184 -18.13 16.63 -9.02
C ASP A 184 -18.97 17.37 -8.01
N ASP A 185 -18.33 17.94 -7.02
CA ASP A 185 -19.07 18.60 -5.96
C ASP A 185 -19.92 17.60 -5.18
N SER A 186 -19.39 16.39 -5.05
CA SER A 186 -19.82 15.47 -4.00
C SER A 186 -18.80 15.62 -2.89
N LEU A 187 -19.22 16.20 -1.77
CA LEU A 187 -18.35 16.36 -0.60
C LEU A 187 -18.17 15.02 0.06
N TYR A 188 -16.97 14.47 0.00
CA TYR A 188 -16.77 13.15 0.56
C TYR A 188 -15.83 13.14 1.76
N TYR A 189 -15.19 14.28 2.00
CA TYR A 189 -14.34 14.41 3.17
C TYR A 189 -14.10 15.88 3.50
N ARG A 190 -13.84 16.16 4.77
CA ARG A 190 -13.45 17.49 5.19
C ARG A 190 -12.50 17.37 6.35
N PHE A 191 -11.56 18.30 6.42
CA PHE A 191 -10.52 18.26 7.41
C PHE A 191 -10.54 19.60 8.13
N PRO A 192 -11.09 19.61 9.34
CA PRO A 192 -11.22 20.86 10.08
C PRO A 192 -9.87 21.37 10.56
N ASN A 193 -9.71 22.68 10.61
CA ASN A 193 -8.55 23.29 11.22
C ASN A 193 -8.67 23.19 12.72
N GLU A 194 -7.97 22.22 13.32
CA GLU A 194 -8.12 21.96 14.75
C GLU A 194 -7.53 23.06 15.62
N ARG A 195 -6.79 23.97 15.02
CA ARG A 195 -6.22 25.08 15.76
C ARG A 195 -7.32 26.01 16.23
N LEU A 196 -8.41 26.05 15.49
CA LEU A 196 -9.53 26.94 15.80
C LEU A 196 -10.47 26.39 16.88
N THR A 197 -10.22 25.16 17.34
CA THR A 197 -11.08 24.55 18.33
C THR A 197 -10.29 23.96 19.48
N ASN A 198 -8.98 23.84 19.29
CA ASN A 198 -8.13 23.19 20.29
C ASN A 198 -6.86 24.01 20.53
N PRO A 199 -6.75 24.62 21.72
CA PRO A 199 -5.63 25.48 22.09
C PRO A 199 -4.29 24.75 21.95
N GLU A 200 -4.29 23.44 22.17
CA GLU A 200 -3.08 22.63 22.07
C GLU A 200 -2.76 22.25 20.63
N ALA A 201 -3.71 22.48 19.73
CA ALA A 201 -3.50 22.26 18.30
C ALA A 201 -2.66 23.39 17.70
N ASP A 202 -1.70 23.02 16.86
CA ASP A 202 -0.86 24.00 16.18
C ASP A 202 -0.61 23.64 14.72
N TRP A 203 0.54 24.04 14.21
CA TRP A 203 0.92 23.74 12.83
C TRP A 203 1.05 22.24 12.58
N ARG A 204 1.21 21.48 13.64
CA ARG A 204 1.40 20.04 13.54
C ARG A 204 0.11 19.39 13.07
N HIS A 205 -1.00 20.04 13.38
CA HIS A 205 -2.32 19.52 13.05
C HIS A 205 -2.92 20.29 11.89
N TRP A 206 -2.56 21.56 11.77
CA TRP A 206 -2.98 22.38 10.63
C TRP A 206 -1.83 23.27 10.19
N PRO A 207 -1.09 22.84 9.16
CA PRO A 207 -0.03 23.64 8.57
C PRO A 207 -0.54 24.40 7.35
N PHE A 208 -1.84 24.28 7.07
CA PHE A 208 -2.41 24.76 5.82
C PHE A 208 -2.86 26.21 5.86
N ASP A 209 -1.94 27.07 6.26
CA ASP A 209 -2.15 28.50 6.27
C ASP A 209 -1.00 29.16 5.54
N GLN A 210 -0.36 28.38 4.66
CA GLN A 210 0.79 28.80 3.89
C GLN A 210 0.58 28.40 2.43
N PRO A 211 1.38 28.96 1.52
CA PRO A 211 1.18 28.74 0.09
C PRO A 211 1.51 27.30 -0.35
N PHE A 212 0.57 26.67 -1.06
CA PHE A 212 0.80 25.38 -1.65
C PHE A 212 0.73 25.51 -3.16
N HIS A 213 1.46 24.64 -3.85
CA HIS A 213 1.40 24.55 -5.29
C HIS A 213 0.79 23.21 -5.65
N LEU A 214 0.31 23.13 -6.89
CA LEU A 214 -0.36 21.94 -7.37
C LEU A 214 0.61 20.99 -8.04
N ILE A 215 0.35 19.69 -7.87
CA ILE A 215 1.12 18.62 -8.51
C ILE A 215 0.18 17.62 -9.16
N MET A 216 0.52 17.15 -10.36
CA MET A 216 -0.26 16.12 -11.03
C MET A 216 0.66 15.11 -11.69
N ASN A 217 0.50 13.85 -11.32
CA ASN A 217 1.39 12.83 -11.80
C ASN A 217 0.68 11.49 -11.93
N ILE A 218 1.37 10.56 -12.56
CA ILE A 218 1.00 9.16 -12.47
C ILE A 218 2.27 8.44 -12.00
N ALA A 219 2.24 7.96 -10.76
CA ALA A 219 3.31 7.12 -10.27
C ALA A 219 3.10 5.72 -10.84
N VAL A 220 4.18 4.98 -11.00
CA VAL A 220 4.10 3.59 -11.40
C VAL A 220 4.64 2.72 -10.28
N GLY A 221 3.74 1.96 -9.65
CA GLY A 221 4.13 1.05 -8.60
C GLY A 221 4.39 1.74 -7.27
N GLY A 222 5.54 1.41 -6.69
CA GLY A 222 5.90 1.93 -5.38
C GLY A 222 5.02 1.36 -4.28
N THR A 223 5.14 1.96 -3.10
CA THR A 223 4.47 1.48 -1.89
C THR A 223 2.96 1.26 -2.05
N TRP A 224 2.24 2.26 -2.55
CA TRP A 224 0.79 2.15 -2.67
C TRP A 224 0.37 1.71 -4.07
N GLY A 225 0.93 2.35 -5.08
CA GLY A 225 0.54 2.06 -6.45
C GLY A 225 0.85 0.65 -6.89
N GLY A 226 1.85 0.03 -6.27
CA GLY A 226 2.31 -1.27 -6.71
C GLY A 226 2.45 -2.34 -5.64
N GLN A 227 1.42 -2.47 -4.80
CA GLN A 227 1.41 -3.55 -3.82
C GLN A 227 0.58 -4.72 -4.33
N GLN A 228 0.09 -4.59 -5.57
CA GLN A 228 -0.44 -5.71 -6.31
C GLN A 228 0.36 -5.87 -7.60
N GLY A 229 1.57 -5.33 -7.58
CA GLY A 229 2.45 -5.39 -8.73
C GLY A 229 2.06 -4.34 -9.75
N VAL A 230 2.77 -4.31 -10.86
CA VAL A 230 2.49 -3.37 -11.93
C VAL A 230 2.14 -4.13 -13.20
N ASP A 231 0.89 -4.01 -13.60
CA ASP A 231 0.43 -4.61 -14.84
C ASP A 231 1.04 -3.87 -16.04
N PRO A 232 2.10 -4.43 -16.63
CA PRO A 232 2.84 -3.80 -17.73
C PRO A 232 1.95 -3.56 -18.94
N GLU A 233 0.87 -4.33 -19.05
CA GLU A 233 -0.06 -4.18 -20.16
C GLU A 233 -0.95 -2.96 -19.95
N ALA A 234 -0.93 -2.43 -18.73
CA ALA A 234 -1.74 -1.26 -18.38
C ALA A 234 -1.16 0.01 -18.97
N PHE A 235 -0.14 -0.13 -19.81
CA PHE A 235 0.56 1.03 -20.36
C PHE A 235 0.53 1.05 -21.88
N PRO A 236 0.46 2.26 -22.46
CA PRO A 236 0.52 3.50 -21.67
C PRO A 236 -0.79 3.77 -20.94
N ALA A 237 -0.67 4.34 -19.74
CA ALA A 237 -1.83 4.79 -18.98
C ALA A 237 -1.88 6.31 -19.02
N GLN A 238 -3.08 6.85 -19.11
CA GLN A 238 -3.25 8.29 -19.23
C GLN A 238 -4.07 8.90 -18.11
N LEU A 239 -3.52 9.94 -17.52
CA LEU A 239 -4.28 10.85 -16.68
C LEU A 239 -4.61 12.02 -17.59
N VAL A 240 -5.88 12.19 -17.90
CA VAL A 240 -6.30 13.20 -18.87
C VAL A 240 -7.01 14.34 -18.18
N VAL A 241 -6.48 15.55 -18.32
CA VAL A 241 -6.98 16.69 -17.56
C VAL A 241 -7.64 17.74 -18.46
N ASP A 242 -8.95 17.82 -18.36
CA ASP A 242 -9.72 18.83 -19.09
C ASP A 242 -9.24 20.19 -18.64
N TYR A 243 -9.24 20.43 -17.35
CA TYR A 243 -8.77 21.72 -16.87
C TYR A 243 -8.30 21.68 -15.43
N VAL A 244 -7.43 22.63 -15.10
CA VAL A 244 -7.13 22.97 -13.73
C VAL A 244 -7.67 24.37 -13.52
N ARG A 245 -8.45 24.57 -12.46
CA ARG A 245 -8.95 25.87 -12.12
C ARG A 245 -8.77 26.15 -10.65
N VAL A 246 -8.26 27.34 -10.37
CA VAL A 246 -8.03 27.75 -9.00
C VAL A 246 -8.78 29.04 -8.76
N TYR A 247 -9.52 29.08 -7.66
CA TYR A 247 -10.32 30.24 -7.29
C TYR A 247 -9.83 30.71 -5.96
N ARG A 248 -10.11 31.97 -5.65
CA ARG A 248 -9.94 32.45 -4.29
C ARG A 248 -11.30 32.96 -3.83
N TRP A 249 -11.60 32.78 -2.56
CA TRP A 249 -12.88 33.23 -2.05
C TRP A 249 -12.83 34.73 -1.80
N VAL A 250 -13.77 35.48 -2.37
CA VAL A 250 -13.85 36.90 -2.10
C VAL A 250 -15.19 37.23 -1.43
N GLU A 251 -15.12 38.02 -0.36
CA GLU A 251 -16.30 38.42 0.40
C GLU A 251 -16.67 39.87 0.07
N ARG B 1 3.55 -47.87 -0.02
CA ARG B 1 2.94 -46.59 0.27
C ARG B 1 1.84 -46.22 -0.72
N LEU B 2 0.68 -45.88 -0.20
CA LEU B 2 -0.30 -45.17 -0.99
C LEU B 2 0.05 -43.69 -0.89
N PRO B 3 -0.01 -42.97 -2.03
CA PRO B 3 0.39 -41.57 -2.07
C PRO B 3 -0.55 -40.70 -1.24
N HIS B 4 0.04 -39.91 -0.35
CA HIS B 4 -0.78 -39.04 0.46
C HIS B 4 0.04 -37.95 1.11
N TRP B 5 -0.66 -36.95 1.63
CA TRP B 5 -0.07 -35.95 2.49
C TRP B 5 0.08 -36.57 3.86
N GLU B 6 1.31 -36.59 4.36
CA GLU B 6 1.57 -37.13 5.68
C GLU B 6 1.91 -36.00 6.62
N LEU B 7 1.21 -35.94 7.74
CA LEU B 7 1.41 -34.88 8.72
C LEU B 7 2.79 -35.00 9.32
N VAL B 8 3.62 -33.98 9.14
CA VAL B 8 4.97 -34.00 9.69
C VAL B 8 5.17 -33.05 10.87
N TRP B 9 4.29 -32.05 11.00
CA TRP B 9 4.44 -31.04 12.03
C TRP B 9 3.13 -30.28 12.19
N SER B 10 2.73 -30.02 13.42
CA SER B 10 1.51 -29.26 13.65
C SER B 10 1.49 -28.65 15.03
N ASP B 11 0.61 -27.67 15.19
CA ASP B 11 0.23 -27.22 16.52
C ASP B 11 -1.27 -27.02 16.47
N GLU B 12 -1.99 -27.80 17.27
CA GLU B 12 -3.44 -27.67 17.35
C GLU B 12 -3.82 -26.65 18.39
N PHE B 13 -2.81 -26.12 19.09
CA PHE B 13 -3.04 -25.12 20.11
C PHE B 13 -4.11 -25.58 21.11
N ASP B 14 -3.98 -26.81 21.58
CA ASP B 14 -4.92 -27.31 22.58
C ASP B 14 -4.33 -27.21 23.98
N TYR B 15 -3.31 -26.37 24.15
CA TYR B 15 -2.74 -26.12 25.45
C TYR B 15 -3.09 -24.72 25.93
N ASN B 16 -2.56 -24.37 27.10
CA ASN B 16 -2.81 -23.07 27.71
C ASN B 16 -1.52 -22.35 28.00
N GLY B 17 -1.42 -21.11 27.56
CA GLY B 17 -0.28 -20.28 27.89
C GLY B 17 0.35 -19.65 26.66
N LEU B 18 1.67 -19.58 26.67
CA LEU B 18 2.42 -19.02 25.55
C LEU B 18 2.53 -20.05 24.44
N PRO B 19 2.72 -19.59 23.20
CA PRO B 19 3.01 -20.53 22.11
C PRO B 19 4.07 -21.54 22.54
N ASP B 20 3.84 -22.81 22.23
CA ASP B 20 4.79 -23.87 22.58
C ASP B 20 6.23 -23.54 22.15
N PRO B 21 7.12 -23.28 23.11
CA PRO B 21 8.53 -22.94 22.85
C PRO B 21 9.30 -23.97 22.02
N ALA B 22 8.79 -25.19 21.93
CA ALA B 22 9.42 -26.22 21.11
C ALA B 22 9.04 -26.03 19.63
N LYS B 23 7.97 -25.30 19.39
CA LYS B 23 7.43 -25.14 18.04
C LYS B 23 7.52 -23.72 17.52
N TRP B 24 7.54 -22.77 18.45
CA TRP B 24 7.37 -21.37 18.11
C TRP B 24 8.45 -20.50 18.71
N ASP B 25 8.88 -19.52 17.93
CA ASP B 25 9.74 -18.47 18.44
C ASP B 25 9.13 -17.11 18.05
N TYR B 26 9.79 -16.04 18.46
CA TYR B 26 9.27 -14.70 18.27
C TYR B 26 10.25 -13.84 17.51
N ASP B 27 9.77 -13.19 16.45
CA ASP B 27 10.49 -12.04 15.93
C ASP B 27 10.15 -10.92 16.89
N VAL B 28 11.15 -10.12 17.22
CA VAL B 28 10.98 -9.07 18.21
C VAL B 28 11.57 -7.76 17.70
N GLY B 29 10.84 -6.66 17.91
CA GLY B 29 11.34 -5.37 17.53
C GLY B 29 10.28 -4.47 16.94
N GLY B 30 10.57 -3.18 16.92
CA GLY B 30 9.69 -2.19 16.34
C GLY B 30 10.47 -1.33 15.38
N HIS B 31 11.20 -1.95 14.47
CA HIS B 31 12.04 -1.21 13.54
C HIS B 31 11.38 -1.01 12.18
N GLY B 32 10.13 -1.48 12.04
CA GLY B 32 9.37 -1.26 10.83
C GLY B 32 9.24 -2.51 9.99
N TRP B 33 10.22 -3.40 10.12
CA TRP B 33 10.15 -4.71 9.50
C TRP B 33 10.09 -4.61 7.98
N GLY B 34 10.83 -3.64 7.44
CA GLY B 34 10.97 -3.49 6.01
C GLY B 34 9.79 -2.81 5.34
N ASN B 35 8.75 -2.55 6.11
CA ASN B 35 7.52 -1.98 5.58
C ASN B 35 7.05 -0.75 6.34
N GLN B 36 7.96 -0.13 7.11
CA GLN B 36 7.60 1.00 7.95
C GLN B 36 6.36 0.67 8.78
N GLU B 37 6.37 -0.50 9.39
CA GLU B 37 5.23 -0.93 10.20
C GLU B 37 5.30 -0.28 11.57
N LEU B 38 4.13 -0.10 12.18
CA LEU B 38 4.02 0.66 13.42
C LEU B 38 4.18 -0.16 14.68
N GLN B 39 3.99 -1.48 14.56
CA GLN B 39 3.94 -2.34 15.73
C GLN B 39 5.31 -2.70 16.27
N TYR B 40 5.35 -2.93 17.57
CA TYR B 40 6.49 -3.58 18.19
C TYR B 40 6.11 -5.02 18.45
N TYR B 41 6.78 -5.94 17.77
CA TYR B 41 6.60 -7.37 18.02
C TYR B 41 7.26 -7.77 19.33
N THR B 42 6.49 -8.42 20.18
CA THR B 42 6.95 -8.70 21.54
C THR B 42 7.41 -10.13 21.70
N ARG B 43 8.28 -10.36 22.69
CA ARG B 43 8.78 -11.69 22.98
C ARG B 43 8.01 -12.36 24.11
N ALA B 44 7.40 -13.51 23.82
CA ALA B 44 6.69 -14.29 24.83
C ALA B 44 5.80 -13.42 25.71
N ARG B 45 5.01 -12.57 25.08
CA ARG B 45 4.13 -11.65 25.79
C ARG B 45 2.69 -12.10 25.58
N ILE B 46 2.11 -12.66 26.64
CA ILE B 46 0.79 -13.27 26.57
C ILE B 46 -0.27 -12.32 25.99
N GLU B 47 -0.04 -11.02 26.13
CA GLU B 47 -1.00 -10.04 25.62
C GLU B 47 -1.05 -10.07 24.09
N ASN B 48 0.09 -10.37 23.49
CA ASN B 48 0.20 -10.41 22.03
C ASN B 48 0.14 -11.81 21.44
N ALA B 49 0.55 -12.79 22.24
CA ALA B 49 0.57 -14.18 21.78
C ALA B 49 0.18 -15.09 22.93
N ARG B 50 -0.98 -15.73 22.80
CA ARG B 50 -1.50 -16.57 23.86
C ARG B 50 -2.28 -17.75 23.31
N VAL B 51 -2.07 -18.92 23.91
CA VAL B 51 -2.78 -20.13 23.50
C VAL B 51 -3.80 -20.53 24.56
N GLY B 52 -4.98 -20.95 24.12
CA GLY B 52 -6.02 -21.32 25.05
C GLY B 52 -7.38 -21.36 24.38
N GLY B 53 -8.30 -22.12 24.97
CA GLY B 53 -9.62 -22.29 24.40
C GLY B 53 -9.54 -22.97 23.04
N GLY B 54 -8.43 -23.64 22.79
CA GLY B 54 -8.25 -24.37 21.56
C GLY B 54 -7.73 -23.51 20.42
N VAL B 55 -7.31 -22.29 20.72
CA VAL B 55 -6.74 -21.47 19.66
C VAL B 55 -5.49 -20.74 20.12
N LEU B 56 -4.69 -20.34 19.14
CA LEU B 56 -3.67 -19.35 19.37
C LEU B 56 -4.30 -18.01 19.06
N ILE B 57 -4.07 -17.03 19.91
CA ILE B 57 -4.43 -15.67 19.57
C ILE B 57 -3.14 -14.89 19.35
N ILE B 58 -3.02 -14.27 18.18
CA ILE B 58 -2.00 -13.26 17.96
C ILE B 58 -2.75 -11.95 17.99
N GLU B 59 -2.38 -11.08 18.91
CA GLU B 59 -3.12 -9.84 19.11
C GLU B 59 -2.28 -8.59 18.93
N ALA B 60 -2.70 -7.75 17.99
CA ALA B 60 -2.14 -6.42 17.83
C ALA B 60 -2.90 -5.45 18.75
N ARG B 61 -2.16 -4.73 19.56
CA ARG B 61 -2.75 -3.81 20.53
C ARG B 61 -2.18 -2.41 20.41
N ARG B 62 -3.00 -1.41 20.67
CA ARG B 62 -2.54 -0.03 20.71
C ARG B 62 -2.09 0.33 22.13
N GLU B 63 -0.79 0.55 22.27
CA GLU B 63 -0.20 0.88 23.55
C GLU B 63 1.21 1.34 23.26
N SER B 64 1.71 2.27 24.05
CA SER B 64 3.11 2.63 23.96
C SER B 64 3.95 1.47 24.46
N TYR B 65 5.07 1.22 23.82
CA TYR B 65 5.87 0.06 24.14
C TYR B 65 7.15 0.07 23.32
N GLU B 66 8.27 0.37 23.98
CA GLU B 66 9.55 0.47 23.28
C GLU B 66 9.50 1.54 22.19
N GLY B 67 8.87 2.67 22.50
CA GLY B 67 8.80 3.79 21.59
C GLY B 67 7.76 3.68 20.50
N ARG B 68 7.13 2.52 20.38
CA ARG B 68 6.10 2.32 19.37
C ARG B 68 4.69 2.48 19.95
N GLU B 69 3.74 2.69 19.05
CA GLU B 69 2.36 3.02 19.41
C GLU B 69 1.48 1.77 19.43
N TYR B 70 2.03 0.69 18.87
CA TYR B 70 1.32 -0.58 18.79
C TYR B 70 2.23 -1.73 19.15
N THR B 71 1.62 -2.80 19.63
CA THR B 71 2.33 -4.04 19.86
C THR B 71 1.59 -5.14 19.11
N SER B 72 2.30 -6.22 18.83
CA SER B 72 1.71 -7.37 18.18
C SER B 72 2.66 -8.52 18.43
N ALA B 73 2.42 -9.62 17.75
CA ALA B 73 3.31 -10.77 17.84
C ALA B 73 3.63 -11.23 16.42
N ARG B 74 4.84 -11.74 16.27
CA ARG B 74 5.26 -12.31 15.00
C ARG B 74 5.88 -13.65 15.32
N LEU B 75 5.03 -14.68 15.30
CA LEU B 75 5.44 -16.02 15.65
C LEU B 75 6.10 -16.68 14.47
N VAL B 76 7.19 -17.39 14.74
CA VAL B 76 7.94 -18.01 13.66
C VAL B 76 8.30 -19.42 14.09
N THR B 77 8.48 -20.29 13.11
CA THR B 77 8.98 -21.62 13.39
C THR B 77 10.46 -21.63 13.11
N ARG B 78 10.99 -20.48 12.68
CA ARG B 78 12.40 -20.38 12.34
C ARG B 78 13.24 -20.91 13.49
N GLY B 79 14.12 -21.85 13.19
CA GLY B 79 14.95 -22.49 14.19
C GLY B 79 14.24 -23.54 15.04
N LYS B 80 12.95 -23.75 14.78
CA LYS B 80 12.15 -24.78 15.45
C LYS B 80 11.83 -25.89 14.47
N ALA B 81 11.45 -25.51 13.27
CA ALA B 81 11.00 -26.46 12.27
C ALA B 81 10.89 -25.72 10.96
N SER B 82 11.34 -26.36 9.91
CA SER B 82 11.22 -25.79 8.58
C SER B 82 11.14 -26.94 7.60
N TRP B 83 10.70 -26.64 6.38
CA TRP B 83 10.27 -27.67 5.46
C TRP B 83 10.64 -27.26 4.05
N THR B 84 11.00 -28.24 3.24
CA THR B 84 11.18 -28.04 1.81
C THR B 84 10.05 -28.80 1.13
N TYR B 85 9.11 -28.05 0.58
CA TYR B 85 7.90 -28.60 0.00
C TYR B 85 6.96 -29.06 1.10
N GLY B 86 5.69 -29.19 0.77
CA GLY B 86 4.75 -29.74 1.71
C GLY B 86 3.39 -29.12 1.53
N ARG B 87 2.45 -29.57 2.34
CA ARG B 87 1.19 -28.88 2.44
C ARG B 87 1.12 -28.19 3.79
N PHE B 88 0.85 -26.90 3.76
CA PHE B 88 0.89 -26.08 4.95
C PHE B 88 -0.48 -25.49 5.14
N GLU B 89 -1.14 -25.89 6.21
CA GLU B 89 -2.46 -25.39 6.52
C GLU B 89 -2.43 -24.57 7.79
N ILE B 90 -3.00 -23.39 7.72
CA ILE B 90 -3.22 -22.59 8.90
C ILE B 90 -4.71 -22.25 8.93
N ARG B 91 -5.42 -22.83 9.90
CA ARG B 91 -6.82 -22.47 10.10
C ARG B 91 -6.93 -21.24 11.01
N ALA B 92 -7.44 -20.16 10.45
CA ALA B 92 -7.40 -18.87 11.14
C ALA B 92 -8.65 -18.03 10.96
N ARG B 93 -8.95 -17.22 11.97
CA ARG B 93 -9.87 -16.10 11.82
C ARG B 93 -9.02 -14.83 11.74
N LEU B 94 -9.29 -14.00 10.73
CA LEU B 94 -8.49 -12.80 10.50
C LEU B 94 -9.05 -11.60 11.25
N PRO B 95 -8.16 -10.73 11.75
CA PRO B 95 -8.57 -9.54 12.49
C PRO B 95 -9.33 -8.60 11.60
N SER B 96 -10.08 -7.70 12.21
CA SER B 96 -10.78 -6.67 11.47
C SER B 96 -10.16 -5.31 11.76
N GLY B 97 -10.32 -4.36 10.85
CA GLY B 97 -9.91 -3.00 11.12
C GLY B 97 -8.86 -2.42 10.20
N ARG B 98 -9.10 -1.17 9.78
CA ARG B 98 -8.14 -0.40 9.00
C ARG B 98 -6.82 -0.28 9.73
N GLY B 99 -5.74 -0.67 9.07
CA GLY B 99 -4.40 -0.64 9.67
C GLY B 99 -3.90 -2.00 10.09
N THR B 100 -4.79 -2.97 10.22
CA THR B 100 -4.38 -4.35 10.53
C THR B 100 -3.88 -5.03 9.27
N TRP B 101 -2.80 -5.80 9.42
CA TRP B 101 -2.20 -6.49 8.30
C TRP B 101 -1.72 -7.86 8.76
N PRO B 102 -2.68 -8.76 9.00
CA PRO B 102 -2.43 -10.17 9.33
C PRO B 102 -1.73 -10.84 8.17
N ALA B 103 -0.80 -11.72 8.48
CA ALA B 103 -0.08 -12.44 7.44
C ALA B 103 0.33 -13.78 7.99
N ILE B 104 0.22 -14.80 7.13
CA ILE B 104 0.74 -16.12 7.42
C ILE B 104 1.62 -16.43 6.23
N TRP B 105 2.92 -16.49 6.45
CA TRP B 105 3.86 -16.57 5.35
C TRP B 105 5.10 -17.34 5.73
N MET B 106 6.00 -17.48 4.77
CA MET B 106 7.18 -18.28 4.97
C MET B 106 8.39 -17.59 4.40
N LEU B 107 9.51 -17.73 5.09
CA LEU B 107 10.79 -17.26 4.62
C LEU B 107 11.75 -18.42 4.66
N PRO B 108 12.80 -18.36 3.84
CA PRO B 108 13.82 -19.42 3.83
C PRO B 108 14.67 -19.39 5.10
N ASP B 109 15.17 -20.54 5.53
CA ASP B 109 16.07 -20.60 6.68
C ASP B 109 17.37 -19.99 6.25
N ARG B 110 17.69 -20.23 4.98
CA ARG B 110 19.03 -19.98 4.49
C ARG B 110 19.08 -18.97 3.35
N GLN B 111 20.18 -18.25 3.30
CA GLN B 111 20.49 -17.39 2.18
C GLN B 111 21.40 -18.22 1.28
N THR B 112 20.77 -18.99 0.40
CA THR B 112 21.46 -19.93 -0.48
C THR B 112 21.75 -19.28 -1.84
N TYR B 113 20.78 -18.52 -2.35
CA TYR B 113 20.86 -17.93 -3.68
C TYR B 113 21.20 -16.44 -3.67
N GLY B 114 21.70 -15.98 -4.80
CA GLY B 114 21.86 -14.56 -5.06
C GLY B 114 22.88 -13.86 -4.19
N SER B 115 22.65 -12.59 -3.93
CA SER B 115 23.58 -11.75 -3.20
C SER B 115 23.00 -11.31 -1.87
N ALA B 116 21.68 -11.48 -1.74
CA ALA B 116 20.99 -11.06 -0.53
C ALA B 116 19.97 -12.11 -0.09
N TYR B 117 19.61 -12.07 1.20
CA TYR B 117 18.64 -13.00 1.76
C TYR B 117 17.26 -12.83 1.13
N TRP B 118 16.75 -11.61 1.13
CA TRP B 118 15.47 -11.29 0.49
C TRP B 118 15.70 -10.28 -0.63
N PRO B 119 14.97 -10.42 -1.75
CA PRO B 119 13.99 -11.46 -2.03
C PRO B 119 14.63 -12.60 -2.80
N ASP B 120 15.96 -12.60 -2.89
CA ASP B 120 16.70 -13.59 -3.67
C ASP B 120 16.38 -15.02 -3.27
N ASN B 121 16.15 -15.22 -1.98
CA ASN B 121 15.93 -16.57 -1.47
C ASN B 121 14.45 -16.88 -1.31
N GLY B 122 13.61 -15.95 -1.73
CA GLY B 122 12.19 -16.22 -1.86
C GLY B 122 11.36 -15.88 -0.64
N GLU B 123 10.06 -15.73 -0.89
CA GLU B 123 9.09 -15.52 0.16
C GLU B 123 7.78 -16.12 -0.31
N ILE B 124 7.15 -16.90 0.56
CA ILE B 124 5.84 -17.45 0.25
C ILE B 124 4.81 -16.87 1.21
N ASP B 125 3.90 -16.08 0.68
CA ASP B 125 2.81 -15.55 1.46
C ASP B 125 1.59 -16.43 1.28
N ILE B 126 1.39 -17.31 2.26
CA ILE B 126 0.27 -18.24 2.22
C ILE B 126 -1.02 -17.44 2.19
N ALA B 127 -1.15 -16.55 3.16
CA ALA B 127 -2.33 -15.73 3.31
C ALA B 127 -1.97 -14.35 3.85
N GLU B 128 -2.38 -13.32 3.13
CA GLU B 128 -2.28 -11.96 3.60
C GLU B 128 -3.59 -11.23 3.49
N HIS B 129 -3.83 -10.32 4.42
CA HIS B 129 -5.08 -9.59 4.44
C HIS B 129 -4.83 -8.22 5.04
N VAL B 130 -5.51 -7.21 4.49
CA VAL B 130 -5.43 -5.85 5.04
C VAL B 130 -6.82 -5.36 5.40
N GLY B 131 -6.96 -4.90 6.65
CA GLY B 131 -8.24 -4.47 7.17
C GLY B 131 -8.98 -3.38 6.39
N PHE B 132 -8.26 -2.57 5.63
CA PHE B 132 -8.93 -1.54 4.84
C PHE B 132 -9.57 -2.13 3.57
N ASN B 133 -9.13 -3.33 3.21
CA ASN B 133 -9.80 -4.11 2.16
C ASN B 133 -10.22 -5.48 2.71
N PRO B 134 -11.28 -5.49 3.54
CA PRO B 134 -11.78 -6.66 4.25
C PRO B 134 -12.19 -7.81 3.34
N ASP B 135 -11.98 -9.03 3.81
CA ASP B 135 -12.52 -10.22 3.15
C ASP B 135 -11.90 -10.45 1.78
N VAL B 136 -10.68 -9.98 1.60
CA VAL B 136 -9.90 -10.29 0.41
C VAL B 136 -8.55 -10.81 0.87
N VAL B 137 -8.27 -12.08 0.57
CA VAL B 137 -7.03 -12.71 0.99
C VAL B 137 -6.09 -12.85 -0.20
N HIS B 138 -4.81 -12.60 0.05
CA HIS B 138 -3.79 -12.64 -0.99
C HIS B 138 -2.79 -13.75 -0.75
N GLY B 139 -2.53 -14.51 -1.81
CA GLY B 139 -1.47 -15.51 -1.82
C GLY B 139 -0.42 -15.06 -2.82
N THR B 140 0.79 -14.86 -2.33
CA THR B 140 1.83 -14.22 -3.14
C THR B 140 3.18 -14.88 -2.90
N VAL B 141 4.02 -14.82 -3.92
CA VAL B 141 5.41 -15.20 -3.73
C VAL B 141 6.30 -14.04 -4.12
N HIS B 142 7.51 -14.05 -3.55
CA HIS B 142 8.52 -13.12 -3.97
C HIS B 142 9.77 -13.91 -4.28
N THR B 143 10.48 -13.46 -5.31
CA THR B 143 11.74 -14.05 -5.71
C THR B 143 12.62 -12.90 -6.16
N LYS B 144 13.72 -13.22 -6.82
CA LYS B 144 14.57 -12.18 -7.37
C LYS B 144 13.84 -11.49 -8.53
N ALA B 145 13.38 -12.28 -9.47
CA ALA B 145 12.66 -11.76 -10.63
C ALA B 145 11.30 -11.16 -10.25
N TYR B 146 10.63 -11.77 -9.28
CA TYR B 146 9.25 -11.39 -8.93
C TYR B 146 9.10 -10.90 -7.49
N ASN B 147 9.09 -9.59 -7.29
CA ASN B 147 8.97 -9.02 -5.95
C ASN B 147 8.34 -7.64 -5.99
N HIS B 148 7.85 -7.15 -4.85
CA HIS B 148 7.17 -5.85 -4.82
C HIS B 148 8.09 -4.69 -5.22
N LEU B 149 9.37 -4.82 -4.92
CA LEU B 149 10.36 -3.82 -5.28
C LEU B 149 10.32 -3.50 -6.78
N LEU B 150 10.16 -4.55 -7.59
CA LEU B 150 10.13 -4.41 -9.05
C LEU B 150 8.71 -4.27 -9.57
N GLY B 151 7.74 -4.34 -8.67
CA GLY B 151 6.34 -4.40 -9.06
C GLY B 151 6.07 -5.66 -9.83
N THR B 152 6.86 -6.70 -9.56
CA THR B 152 6.73 -7.97 -10.28
C THR B 152 6.25 -9.16 -9.43
N GLN B 153 5.76 -8.91 -8.21
CA GLN B 153 5.33 -10.03 -7.36
C GLN B 153 4.36 -10.89 -8.13
N ARG B 154 4.36 -12.18 -7.82
CA ARG B 154 3.43 -13.09 -8.43
C ARG B 154 2.43 -13.50 -7.36
N GLY B 155 1.19 -13.06 -7.51
CA GLY B 155 0.19 -13.41 -6.53
C GLY B 155 -1.24 -13.38 -7.04
N GLY B 156 -2.11 -14.06 -6.29
CA GLY B 156 -3.52 -14.10 -6.60
C GLY B 156 -4.25 -13.74 -5.32
N SER B 157 -5.55 -13.57 -5.43
CA SER B 157 -6.34 -13.21 -4.26
C SER B 157 -7.73 -13.75 -4.44
N ILE B 158 -8.49 -13.75 -3.36
CA ILE B 158 -9.79 -14.37 -3.37
C ILE B 158 -10.58 -13.65 -2.30
N ARG B 159 -11.87 -13.42 -2.56
CA ARG B 159 -12.74 -12.85 -1.55
C ARG B 159 -13.18 -13.95 -0.60
N VAL B 160 -13.00 -13.71 0.68
CA VAL B 160 -13.42 -14.65 1.71
C VAL B 160 -14.42 -13.94 2.63
N PRO B 161 -15.69 -13.93 2.22
CA PRO B 161 -16.77 -13.18 2.88
C PRO B 161 -16.74 -13.26 4.41
N THR B 162 -16.45 -14.42 4.98
CA THR B 162 -16.47 -14.56 6.43
C THR B 162 -15.07 -14.62 7.02
N ALA B 163 -14.09 -14.18 6.23
CA ALA B 163 -12.69 -14.24 6.62
C ALA B 163 -12.47 -13.73 8.04
N ARG B 164 -13.25 -12.72 8.43
CA ARG B 164 -13.02 -12.04 9.69
C ARG B 164 -13.93 -12.52 10.82
N THR B 165 -14.99 -13.24 10.47
CA THR B 165 -15.96 -13.69 11.46
C THR B 165 -15.92 -15.19 11.70
N ASP B 166 -15.21 -15.89 10.82
CA ASP B 166 -15.17 -17.35 10.89
C ASP B 166 -13.77 -17.89 10.66
N PHE B 167 -13.57 -19.16 10.98
CA PHE B 167 -12.30 -19.82 10.71
C PHE B 167 -12.26 -20.36 9.30
N HIS B 168 -11.13 -20.14 8.64
CA HIS B 168 -10.91 -20.66 7.30
C HIS B 168 -9.53 -21.27 7.21
N VAL B 169 -9.38 -22.30 6.38
CA VAL B 169 -8.08 -22.92 6.26
C VAL B 169 -7.29 -22.28 5.13
N TYR B 170 -6.25 -21.57 5.52
CA TYR B 170 -5.35 -20.98 4.57
C TYR B 170 -4.24 -21.96 4.36
N ALA B 171 -3.96 -22.27 3.11
CA ALA B 171 -2.99 -23.31 2.82
C ALA B 171 -2.32 -23.09 1.49
N ILE B 172 -1.13 -23.68 1.36
CA ILE B 172 -0.49 -23.84 0.08
C ILE B 172 -0.11 -25.30 -0.06
N GLU B 173 -0.02 -25.75 -1.31
CA GLU B 173 0.68 -26.97 -1.58
C GLU B 173 1.90 -26.58 -2.39
N TRP B 174 3.04 -26.73 -1.73
CA TRP B 174 4.32 -26.37 -2.30
C TRP B 174 5.02 -27.65 -2.71
N THR B 175 5.10 -27.87 -4.02
CA THR B 175 5.74 -29.04 -4.58
C THR B 175 6.91 -28.57 -5.44
N PRO B 176 7.74 -29.51 -5.90
CA PRO B 176 8.89 -29.16 -6.74
C PRO B 176 8.45 -28.51 -8.06
N GLU B 177 7.17 -28.62 -8.39
CA GLU B 177 6.68 -28.19 -9.69
C GLU B 177 5.95 -26.86 -9.64
N GLU B 178 5.34 -26.57 -8.50
CA GLU B 178 4.60 -25.32 -8.34
C GLU B 178 4.21 -25.11 -6.89
N ILE B 179 3.69 -23.93 -6.61
CA ILE B 179 3.02 -23.64 -5.34
C ILE B 179 1.56 -23.36 -5.67
N ARG B 180 0.66 -24.00 -4.92
CA ARG B 180 -0.77 -23.78 -5.08
C ARG B 180 -1.31 -23.14 -3.82
N TRP B 181 -2.24 -22.20 -3.98
CA TRP B 181 -2.83 -21.50 -2.85
C TRP B 181 -4.28 -21.90 -2.67
N PHE B 182 -4.69 -22.11 -1.41
CA PHE B 182 -6.07 -22.47 -1.08
C PHE B 182 -6.61 -21.66 0.08
N VAL B 183 -7.88 -21.29 0.01
CA VAL B 183 -8.67 -21.01 1.20
C VAL B 183 -9.77 -22.07 1.22
N ASP B 184 -9.75 -22.94 2.22
CA ASP B 184 -10.74 -24.01 2.32
C ASP B 184 -10.73 -24.93 1.10
N ASP B 185 -9.57 -25.50 0.79
CA ASP B 185 -9.46 -26.45 -0.33
C ASP B 185 -10.07 -25.91 -1.62
N SER B 186 -10.16 -24.59 -1.72
CA SER B 186 -10.61 -23.92 -2.93
C SER B 186 -9.42 -23.21 -3.54
N LEU B 187 -8.92 -23.72 -4.65
CA LEU B 187 -7.70 -23.21 -5.26
C LEU B 187 -7.91 -21.86 -5.93
N TYR B 188 -7.16 -20.84 -5.50
CA TYR B 188 -7.33 -19.51 -6.08
C TYR B 188 -6.05 -18.96 -6.73
N TYR B 189 -4.90 -19.57 -6.44
CA TYR B 189 -3.66 -19.16 -7.10
C TYR B 189 -2.65 -20.29 -7.24
N ARG B 190 -1.77 -20.16 -8.23
CA ARG B 190 -0.68 -21.11 -8.38
C ARG B 190 0.51 -20.46 -9.08
N PHE B 191 1.70 -20.84 -8.64
CA PHE B 191 2.93 -20.26 -9.13
C PHE B 191 3.82 -21.40 -9.59
N PRO B 192 3.96 -21.55 -10.91
CA PRO B 192 4.70 -22.69 -11.46
C PRO B 192 6.18 -22.48 -11.32
N ASN B 193 6.90 -23.59 -11.13
CA ASN B 193 8.35 -23.58 -11.14
C ASN B 193 8.79 -23.44 -12.59
N GLU B 194 9.07 -22.21 -12.99
CA GLU B 194 9.45 -21.91 -14.37
C GLU B 194 10.75 -22.58 -14.78
N ARG B 195 11.51 -23.05 -13.81
CA ARG B 195 12.78 -23.72 -14.10
C ARG B 195 12.52 -25.03 -14.83
N LEU B 196 11.28 -25.50 -14.75
CA LEU B 196 10.89 -26.74 -15.40
C LEU B 196 10.51 -26.54 -16.87
N THR B 197 9.96 -25.38 -17.20
CA THR B 197 9.53 -25.12 -18.58
C THR B 197 10.44 -24.16 -19.34
N ASN B 198 11.30 -23.47 -18.61
CA ASN B 198 12.24 -22.53 -19.23
C ASN B 198 13.66 -22.87 -18.80
N PRO B 199 14.52 -23.22 -19.77
CA PRO B 199 15.89 -23.64 -19.47
C PRO B 199 16.73 -22.48 -18.96
N GLU B 200 16.30 -21.25 -19.26
CA GLU B 200 17.02 -20.05 -18.82
C GLU B 200 16.40 -19.42 -17.58
N ALA B 201 15.32 -20.03 -17.07
CA ALA B 201 14.79 -19.67 -15.76
C ALA B 201 15.67 -20.31 -14.68
N ASP B 202 15.80 -19.65 -13.53
CA ASP B 202 16.64 -20.18 -12.47
C ASP B 202 16.15 -19.79 -11.08
N TRP B 203 17.02 -19.90 -10.08
CA TRP B 203 16.70 -19.54 -8.70
C TRP B 203 16.00 -18.18 -8.59
N ARG B 204 16.19 -17.33 -9.59
CA ARG B 204 15.57 -16.00 -9.60
C ARG B 204 14.07 -16.14 -9.78
N HIS B 205 13.66 -17.18 -10.49
CA HIS B 205 12.26 -17.39 -10.80
C HIS B 205 11.66 -18.42 -9.85
N TRP B 206 12.52 -19.27 -9.30
CA TRP B 206 12.07 -20.28 -8.37
C TRP B 206 13.20 -20.61 -7.42
N PRO B 207 13.15 -20.02 -6.22
CA PRO B 207 14.08 -20.29 -5.14
C PRO B 207 13.45 -21.25 -4.14
N PHE B 208 12.27 -21.77 -4.48
CA PHE B 208 11.46 -22.57 -3.55
C PHE B 208 11.77 -24.05 -3.62
N ASP B 209 13.04 -24.36 -3.38
CA ASP B 209 13.53 -25.72 -3.30
C ASP B 209 14.55 -25.80 -2.17
N GLN B 210 14.37 -24.94 -1.17
CA GLN B 210 15.22 -24.91 0.03
C GLN B 210 14.30 -24.79 1.22
N PRO B 211 14.82 -25.04 2.44
CA PRO B 211 13.95 -25.05 3.63
C PRO B 211 13.35 -23.68 3.89
N PHE B 212 12.03 -23.64 4.08
CA PHE B 212 11.31 -22.44 4.48
C PHE B 212 10.63 -22.70 5.82
N HIS B 213 10.51 -21.66 6.63
CA HIS B 213 9.82 -21.77 7.90
C HIS B 213 8.56 -20.91 7.86
N LEU B 214 7.74 -21.07 8.89
CA LEU B 214 6.43 -20.44 8.92
C LEU B 214 6.44 -19.21 9.80
N ILE B 215 5.71 -18.19 9.35
CA ILE B 215 5.56 -16.96 10.12
C ILE B 215 4.10 -16.54 10.13
N MET B 216 3.65 -16.12 11.29
CA MET B 216 2.31 -15.60 11.44
C MET B 216 2.41 -14.35 12.27
N ASN B 217 1.67 -13.33 11.88
CA ASN B 217 1.79 -12.04 12.53
C ASN B 217 0.62 -11.12 12.20
N ILE B 218 0.48 -10.06 12.99
CA ILE B 218 -0.32 -8.92 12.57
C ILE B 218 0.60 -7.72 12.60
N ALA B 219 1.01 -7.26 11.43
CA ALA B 219 1.70 -6.00 11.32
C ALA B 219 0.64 -4.92 11.50
N VAL B 220 1.08 -3.74 11.93
CA VAL B 220 0.17 -2.60 12.05
C VAL B 220 0.63 -1.50 11.11
N GLY B 221 -0.30 -0.95 10.35
CA GLY B 221 0.04 0.09 9.39
C GLY B 221 1.15 -0.38 8.47
N GLY B 222 2.03 0.55 8.09
CA GLY B 222 3.13 0.24 7.19
C GLY B 222 2.75 0.28 5.72
N THR B 223 3.71 -0.11 4.89
CA THR B 223 3.60 -0.01 3.44
C THR B 223 2.26 -0.47 2.83
N TRP B 224 1.69 -1.53 3.36
CA TRP B 224 0.42 -2.04 2.83
C TRP B 224 -0.75 -1.78 3.78
N GLY B 225 -0.67 -2.35 4.99
CA GLY B 225 -1.77 -2.23 5.92
C GLY B 225 -2.05 -0.80 6.33
N GLY B 226 -1.08 0.08 6.10
CA GLY B 226 -1.15 1.44 6.59
C GLY B 226 -1.66 2.46 5.59
N GLN B 227 -1.97 2.03 4.38
CA GLN B 227 -2.59 2.91 3.41
C GLN B 227 -4.06 3.03 3.76
N GLN B 228 -4.56 4.25 3.85
CA GLN B 228 -5.89 4.50 4.39
C GLN B 228 -5.84 4.59 5.91
N GLY B 229 -4.62 4.64 6.46
CA GLY B 229 -4.42 4.92 7.86
C GLY B 229 -4.56 3.75 8.81
N VAL B 230 -4.26 4.00 10.09
CA VAL B 230 -4.49 3.01 11.13
C VAL B 230 -5.65 3.47 12.01
N ASP B 231 -6.70 2.66 12.04
CA ASP B 231 -7.88 2.97 12.84
C ASP B 231 -7.68 2.54 14.29
N PRO B 232 -7.47 3.52 15.19
CA PRO B 232 -7.27 3.29 16.63
C PRO B 232 -8.29 2.34 17.25
N GLU B 233 -9.50 2.30 16.73
CA GLU B 233 -10.53 1.44 17.28
C GLU B 233 -10.66 0.09 16.58
N ALA B 234 -9.59 -0.31 15.89
CA ALA B 234 -9.53 -1.63 15.29
C ALA B 234 -8.75 -2.51 16.25
N PHE B 235 -8.41 -1.93 17.40
CA PHE B 235 -7.55 -2.61 18.36
C PHE B 235 -8.21 -2.71 19.73
N PRO B 236 -7.95 -3.81 20.44
CA PRO B 236 -7.05 -4.88 19.99
C PRO B 236 -7.57 -5.66 18.78
N ALA B 237 -6.65 -6.16 17.96
CA ALA B 237 -7.01 -6.96 16.80
C ALA B 237 -6.44 -8.37 16.93
N GLN B 238 -7.27 -9.37 16.67
CA GLN B 238 -6.84 -10.75 16.85
C GLN B 238 -6.82 -11.55 15.56
N LEU B 239 -5.71 -12.22 15.34
CA LEU B 239 -5.62 -13.28 14.36
C LEU B 239 -5.74 -14.57 15.16
N VAL B 240 -6.91 -15.19 15.12
CA VAL B 240 -7.12 -16.40 15.90
C VAL B 240 -6.84 -17.62 15.03
N VAL B 241 -5.92 -18.45 15.49
CA VAL B 241 -5.49 -19.60 14.71
C VAL B 241 -5.89 -20.88 15.43
N ASP B 242 -6.71 -21.67 14.74
CA ASP B 242 -7.18 -22.97 15.23
C ASP B 242 -6.05 -23.98 15.19
N TYR B 243 -5.39 -24.10 14.05
CA TYR B 243 -4.27 -25.01 13.96
C TYR B 243 -3.31 -24.64 12.86
N VAL B 244 -2.10 -25.15 12.99
CA VAL B 244 -1.11 -25.12 11.93
C VAL B 244 -0.79 -26.58 11.70
N ARG B 245 -0.86 -27.01 10.44
CA ARG B 245 -0.50 -28.36 10.09
C ARG B 245 0.37 -28.37 8.87
N VAL B 246 1.43 -29.17 8.93
CA VAL B 246 2.36 -29.29 7.84
C VAL B 246 2.45 -30.75 7.41
N TYR B 247 2.16 -30.98 6.14
CA TYR B 247 2.24 -32.30 5.57
C TYR B 247 3.39 -32.36 4.60
N ARG B 248 3.91 -33.56 4.39
CA ARG B 248 4.86 -33.80 3.32
C ARG B 248 4.18 -34.78 2.38
N TRP B 249 4.33 -34.58 1.08
CA TRP B 249 3.75 -35.51 0.12
C TRP B 249 4.56 -36.78 0.17
N VAL B 250 3.88 -37.89 0.45
CA VAL B 250 4.55 -39.19 0.51
C VAL B 250 4.06 -40.09 -0.63
N GLU B 251 5.01 -40.72 -1.32
CA GLU B 251 4.72 -41.49 -2.53
C GLU B 251 4.30 -42.92 -2.23
C1 GOL C . 0.98 11.59 -2.16
O1 GOL C . 1.97 11.39 -1.18
C2 GOL C . 1.66 11.83 -3.49
O2 GOL C . 2.75 10.95 -3.57
C3 GOL C . 0.71 11.55 -4.64
O3 GOL C . 0.59 10.15 -4.82
C1 GOL D . -15.08 30.83 2.12
O1 GOL D . -14.47 30.75 3.40
C2 GOL D . -16.23 29.81 2.04
O2 GOL D . -17.45 30.50 1.94
C3 GOL D . -16.05 28.96 0.79
O3 GOL D . -17.19 28.16 0.64
CA CA E . -9.95 21.82 -21.53
CA CA F . -7.41 -25.95 17.91
C1 GOL G . 4.13 -10.79 5.24
O1 GOL G . 3.19 -9.75 5.40
C2 GOL G . 5.17 -10.42 4.18
O2 GOL G . 4.67 -9.49 3.25
C3 GOL G . 6.39 -9.82 4.86
O3 GOL G . 6.00 -8.64 5.52
C1 GOL H . 2.07 -34.05 -5.02
O1 GOL H . 3.35 -33.64 -5.45
C2 GOL H . 1.19 -32.82 -4.85
O2 GOL H . 1.09 -32.12 -6.07
C3 GOL H . -0.20 -33.23 -4.34
O3 GOL H . -0.83 -34.09 -5.26
#